data_5FE7
#
_entry.id   5FE7
#
_cell.length_a   99.610
_cell.length_b   99.610
_cell.length_c   101.554
_cell.angle_alpha   90.00
_cell.angle_beta   90.00
_cell.angle_gamma   120.00
#
_symmetry.space_group_name_H-M   'H 3'
#
loop_
_entity.id
_entity.type
_entity.pdbx_description
1 polymer 'Histone acetyltransferase KAT2B'
2 non-polymer 1,2-ETHANEDIOL
3 non-polymer 1-(2-hydroxyethyl)-3-methyl-6,7-dihydro-5~{H}-indazol-4-one
4 non-polymer 'DIMETHYL SULFOXIDE'
5 water water
#
_entity_poly.entity_id   1
_entity_poly.type   'polypeptide(L)'
_entity_poly.pdbx_seq_one_letter_code
;SMGKEKSKEPRDPDQLYSTLKSILQQVKSHQSAWPFMEPVKRTEAPGYYEVIRFPMDLKTMSERLKNRYYVSKKLFMADL
QRVFTNCKEYNPPESEYYKCANILEKFFFSKIKEAGLID
;
_entity_poly.pdbx_strand_id   A,B
#
loop_
_chem_comp.id
_chem_comp.type
_chem_comp.name
_chem_comp.formula
5WU non-polymer 1-(2-hydroxyethyl)-3-methyl-6,7-dihydro-5~{H}-indazol-4-one 'C10 H14 N2 O2'
DMS non-polymer 'DIMETHYL SULFOXIDE' 'C2 H6 O S'
EDO non-polymer 1,2-ETHANEDIOL 'C2 H6 O2'
#
# COMPACT_ATOMS: atom_id res chain seq x y z
N ARG A 11 -20.45 -23.84 3.33
CA ARG A 11 -19.60 -23.87 2.12
C ARG A 11 -18.27 -23.15 2.43
N ASP A 12 -17.16 -23.69 1.94
CA ASP A 12 -15.82 -23.02 2.02
C ASP A 12 -15.81 -21.66 1.23
N PRO A 13 -16.41 -21.64 0.01
CA PRO A 13 -16.69 -20.35 -0.66
C PRO A 13 -17.62 -19.45 0.18
N ASP A 14 -18.65 -20.04 0.79
CA ASP A 14 -19.59 -19.24 1.56
C ASP A 14 -19.10 -18.84 2.95
N GLN A 15 -18.12 -19.57 3.48
CA GLN A 15 -17.41 -19.12 4.66
C GLN A 15 -16.56 -17.87 4.38
N LEU A 16 -15.84 -17.92 3.28
CA LEU A 16 -15.07 -16.78 2.85
C LEU A 16 -15.99 -15.58 2.68
N TYR A 17 -17.08 -15.78 1.97
CA TYR A 17 -18.03 -14.74 1.68
C TYR A 17 -18.51 -14.07 2.96
N SER A 18 -18.87 -14.86 3.95
CA SER A 18 -19.31 -14.30 5.22
C SER A 18 -18.23 -13.50 5.89
N THR A 19 -17.01 -14.03 5.91
CA THR A 19 -15.90 -13.31 6.56
C THR A 19 -15.62 -11.99 5.84
N LEU A 20 -15.57 -12.03 4.52
CA LEU A 20 -15.35 -10.81 3.77
C LEU A 20 -16.48 -9.79 3.94
N LYS A 21 -17.72 -10.25 3.94
CA LYS A 21 -18.84 -9.36 4.15
C LYS A 21 -18.78 -8.68 5.51
N SER A 22 -18.49 -9.46 6.54
CA SER A 22 -18.30 -8.89 7.88
C SER A 22 -17.21 -7.83 7.90
N ILE A 23 -16.06 -8.13 7.31
CA ILE A 23 -14.98 -7.16 7.30
C ILE A 23 -15.34 -5.89 6.53
N LEU A 24 -15.86 -6.06 5.32
CA LEU A 24 -16.26 -4.92 4.52
C LEU A 24 -17.31 -4.06 5.24
N GLN A 25 -18.25 -4.71 5.92
CA GLN A 25 -19.29 -3.95 6.67
C GLN A 25 -18.70 -3.12 7.79
N GLN A 26 -17.76 -3.71 8.51
CA GLN A 26 -17.08 -3.00 9.60
C GLN A 26 -16.28 -1.83 9.09
N VAL A 27 -15.60 -2.04 8.00
CA VAL A 27 -14.86 -0.97 7.38
C VAL A 27 -15.82 0.17 6.95
N LYS A 28 -16.92 -0.19 6.28
CA LYS A 28 -17.86 0.82 5.82
C LYS A 28 -18.49 1.55 6.93
N SER A 29 -18.69 0.92 8.08
CA SER A 29 -19.26 1.59 9.22
C SER A 29 -18.33 2.46 10.03
N HIS A 30 -17.04 2.38 9.74
CA HIS A 30 -16.06 3.09 10.51
C HIS A 30 -16.22 4.60 10.26
N GLN A 31 -15.93 5.39 11.27
CA GLN A 31 -16.04 6.81 11.20
C GLN A 31 -15.15 7.52 10.16
N SER A 32 -14.05 6.90 9.77
CA SER A 32 -13.14 7.40 8.77
C SER A 32 -13.37 6.79 7.38
N ALA A 33 -14.42 6.01 7.18
CA ALA A 33 -14.68 5.47 5.86
C ALA A 33 -15.34 6.44 4.86
N TRP A 34 -15.86 7.55 5.34
CA TRP A 34 -16.74 8.41 4.52
C TRP A 34 -16.12 8.92 3.20
N PRO A 35 -14.81 9.15 3.14
CA PRO A 35 -14.28 9.60 1.85
C PRO A 35 -14.30 8.53 0.77
N PHE A 36 -14.36 7.27 1.17
CA PHE A 36 -14.13 6.13 0.30
C PHE A 36 -15.43 5.41 -0.09
N MET A 37 -16.56 5.99 0.24
CA MET A 37 -17.84 5.33 0.09
C MET A 37 -18.30 5.31 -1.35
N GLU A 38 -17.82 6.23 -2.18
CA GLU A 38 -18.14 6.21 -3.59
C GLU A 38 -16.95 6.54 -4.45
N PRO A 39 -17.04 6.27 -5.75
CA PRO A 39 -15.98 6.63 -6.66
C PRO A 39 -15.58 8.11 -6.58
N VAL A 40 -14.29 8.38 -6.71
CA VAL A 40 -13.81 9.74 -6.83
C VAL A 40 -14.49 10.38 -8.02
N LYS A 41 -14.95 11.63 -7.90
CA LYS A 41 -15.66 12.26 -9.04
C LYS A 41 -14.67 13.05 -9.87
N ARG A 42 -14.65 12.73 -11.16
CA ARG A 42 -13.71 13.36 -12.08
C ARG A 42 -13.83 14.88 -12.03
N THR A 43 -15.06 15.37 -11.98
CA THR A 43 -15.30 16.79 -11.95
C THR A 43 -14.74 17.46 -10.73
N GLU A 44 -14.51 16.71 -9.66
CA GLU A 44 -13.92 17.28 -8.44
C GLU A 44 -12.46 17.01 -8.29
N ALA A 45 -11.87 16.14 -9.09
CA ALA A 45 -10.45 15.86 -8.83
C ALA A 45 -9.57 15.91 -10.04
N PRO A 46 -8.97 17.09 -10.31
CA PRO A 46 -8.39 17.29 -11.65
C PRO A 46 -7.25 16.35 -11.94
N GLY A 47 -7.32 15.68 -13.08
CA GLY A 47 -6.30 14.70 -13.41
C GLY A 47 -6.18 13.52 -12.47
N TYR A 48 -7.19 13.26 -11.64
CA TYR A 48 -7.16 12.05 -10.82
C TYR A 48 -7.11 10.79 -11.68
N TYR A 49 -8.01 10.70 -12.66
CA TYR A 49 -8.11 9.51 -13.46
C TYR A 49 -6.97 9.40 -14.49
N GLU A 50 -6.13 10.43 -14.62
CA GLU A 50 -4.87 10.28 -15.37
C GLU A 50 -3.75 9.72 -14.52
N VAL A 51 -3.82 9.90 -13.21
CA VAL A 51 -2.75 9.52 -12.29
C VAL A 51 -3.03 8.12 -11.70
N ILE A 52 -4.27 7.91 -11.26
CA ILE A 52 -4.67 6.69 -10.66
C ILE A 52 -5.25 5.71 -11.69
N ARG A 53 -4.51 4.64 -11.99
CA ARG A 53 -4.89 3.71 -13.04
C ARG A 53 -5.97 2.71 -12.64
N PHE A 54 -6.02 2.35 -11.37
CA PHE A 54 -7.00 1.39 -10.89
C PHE A 54 -7.78 1.99 -9.73
N PRO A 55 -8.72 2.88 -10.05
CA PRO A 55 -9.56 3.44 -8.98
C PRO A 55 -10.39 2.39 -8.23
N MET A 56 -10.67 2.63 -6.97
CA MET A 56 -11.47 1.71 -6.24
C MET A 56 -12.13 2.45 -5.10
N ASP A 57 -13.26 1.93 -4.65
CA ASP A 57 -14.03 2.53 -3.55
C ASP A 57 -14.90 1.47 -2.92
N LEU A 58 -15.48 1.80 -1.79
CA LEU A 58 -16.15 0.77 -1.03
C LEU A 58 -17.52 0.36 -1.57
N LYS A 59 -18.18 1.25 -2.31
CA LYS A 59 -19.41 0.86 -3.02
C LYS A 59 -19.11 -0.18 -4.12
N THR A 60 -18.08 0.07 -4.90
CA THR A 60 -17.65 -0.87 -5.93
C THR A 60 -17.24 -2.21 -5.30
N MET A 61 -16.53 -2.17 -4.19
CA MET A 61 -16.22 -3.44 -3.49
C MET A 61 -17.43 -4.18 -3.01
N SER A 62 -18.45 -3.46 -2.50
CA SER A 62 -19.70 -4.12 -2.12
C SER A 62 -20.38 -4.83 -3.28
N GLU A 63 -20.38 -4.20 -4.44
CA GLU A 63 -20.95 -4.80 -5.62
C GLU A 63 -20.19 -6.03 -6.01
N ARG A 64 -18.86 -5.89 -6.11
CA ARG A 64 -18.00 -7.04 -6.44
C ARG A 64 -18.24 -8.19 -5.47
N LEU A 65 -18.37 -7.89 -4.19
CA LEU A 65 -18.63 -8.93 -3.23
C LEU A 65 -19.98 -9.65 -3.47
N LYS A 66 -21.03 -8.84 -3.64
CA LYS A 66 -22.37 -9.38 -3.97
C LYS A 66 -22.38 -10.17 -5.27
N ASN A 67 -21.55 -9.74 -6.20
CA ASN A 67 -21.37 -10.42 -7.46
C ASN A 67 -20.46 -11.65 -7.41
N ARG A 68 -20.03 -12.06 -6.21
CA ARG A 68 -19.24 -13.29 -6.06
C ARG A 68 -17.89 -13.21 -6.78
N TYR A 69 -17.37 -12.01 -6.89
CA TYR A 69 -16.06 -11.78 -7.47
C TYR A 69 -14.88 -12.20 -6.56
N TYR A 70 -15.04 -11.98 -5.26
CA TYR A 70 -13.94 -12.19 -4.33
C TYR A 70 -13.83 -13.67 -3.99
N VAL A 71 -13.38 -14.46 -4.95
CA VAL A 71 -13.22 -15.89 -4.73
C VAL A 71 -11.98 -16.23 -3.87
N SER A 72 -11.13 -15.24 -3.58
CA SER A 72 -9.94 -15.46 -2.73
C SER A 72 -9.73 -14.26 -1.87
N LYS A 73 -9.02 -14.48 -0.78
CA LYS A 73 -8.71 -13.37 0.13
C LYS A 73 -7.82 -12.36 -0.55
N LYS A 74 -6.92 -12.85 -1.39
CA LYS A 74 -5.98 -12.00 -2.07
C LYS A 74 -6.67 -10.93 -2.93
N LEU A 75 -7.73 -11.30 -3.64
CA LEU A 75 -8.44 -10.34 -4.50
C LEU A 75 -9.08 -9.28 -3.66
N PHE A 76 -9.67 -9.67 -2.55
CA PHE A 76 -10.30 -8.72 -1.62
C PHE A 76 -9.30 -7.75 -1.01
N MET A 77 -8.20 -8.26 -0.50
CA MET A 77 -7.17 -7.43 0.12
C MET A 77 -6.50 -6.54 -0.87
N ALA A 78 -6.34 -6.96 -2.10
CA ALA A 78 -5.76 -6.06 -3.12
C ALA A 78 -6.65 -4.87 -3.41
N ASP A 79 -7.97 -5.10 -3.52
CA ASP A 79 -8.90 -3.98 -3.82
C ASP A 79 -8.93 -3.01 -2.66
N LEU A 80 -9.10 -3.53 -1.48
CA LEU A 80 -9.18 -2.67 -0.34
C LEU A 80 -7.86 -1.93 -0.06
N GLN A 81 -6.73 -2.60 -0.26
CA GLN A 81 -5.47 -1.88 -0.13
C GLN A 81 -5.36 -0.75 -1.17
N ARG A 82 -5.84 -1.01 -2.39
CA ARG A 82 -5.82 0.01 -3.43
C ARG A 82 -6.61 1.26 -3.06
N VAL A 83 -7.68 1.10 -2.31
CA VAL A 83 -8.43 2.26 -1.91
C VAL A 83 -7.50 3.22 -1.12
N PHE A 84 -6.70 2.66 -0.21
CA PHE A 84 -5.85 3.52 0.64
C PHE A 84 -4.67 4.08 -0.11
N THR A 85 -4.04 3.26 -0.93
CA THR A 85 -2.83 3.67 -1.55
C THR A 85 -3.11 4.67 -2.68
N ASN A 86 -4.22 4.51 -3.40
CA ASN A 86 -4.67 5.54 -4.37
C ASN A 86 -4.81 6.88 -3.68
N CYS A 87 -5.51 6.86 -2.57
CA CYS A 87 -5.75 8.10 -1.82
C CYS A 87 -4.39 8.73 -1.38
N LYS A 88 -3.47 7.89 -0.92
CA LYS A 88 -2.22 8.42 -0.36
C LYS A 88 -1.32 8.90 -1.40
N GLU A 89 -1.35 8.25 -2.56
CA GLU A 89 -0.58 8.78 -3.64
C GLU A 89 -1.04 10.17 -4.11
N TYR A 90 -2.37 10.36 -4.18
CA TYR A 90 -2.94 11.56 -4.83
C TYR A 90 -3.01 12.76 -3.91
N ASN A 91 -3.37 12.57 -2.66
CA ASN A 91 -3.63 13.68 -1.77
C ASN A 91 -2.41 14.11 -0.95
N PRO A 92 -2.38 15.39 -0.54
CA PRO A 92 -1.33 15.85 0.36
C PRO A 92 -1.33 15.14 1.72
N PRO A 93 -0.13 14.98 2.30
CA PRO A 93 0.05 14.04 3.40
C PRO A 93 -0.67 14.49 4.66
N GLU A 94 -0.88 15.80 4.82
CA GLU A 94 -1.64 16.28 5.96
C GLU A 94 -3.10 16.56 5.61
N SER A 95 -3.56 16.17 4.42
CA SER A 95 -4.97 16.35 4.07
C SER A 95 -5.86 15.40 4.89
N GLU A 96 -7.12 15.79 5.06
CA GLU A 96 -8.10 15.00 5.75
C GLU A 96 -8.26 13.66 5.11
N TYR A 97 -8.17 13.60 3.78
CA TYR A 97 -8.34 12.32 3.11
C TYR A 97 -7.20 11.38 3.47
N TYR A 98 -5.95 11.87 3.44
CA TYR A 98 -4.79 11.08 3.77
C TYR A 98 -4.89 10.58 5.20
N LYS A 99 -5.26 11.45 6.14
CA LYS A 99 -5.45 11.00 7.52
C LYS A 99 -6.44 9.86 7.63
N CYS A 100 -7.59 9.99 6.95
CA CYS A 100 -8.63 8.95 6.98
C CYS A 100 -8.12 7.68 6.42
N ALA A 101 -7.42 7.75 5.30
CA ALA A 101 -6.92 6.55 4.70
C ALA A 101 -6.02 5.73 5.68
N ASN A 102 -5.10 6.40 6.37
CA ASN A 102 -4.19 5.67 7.26
C ASN A 102 -4.86 5.14 8.51
N ILE A 103 -5.83 5.89 9.05
CA ILE A 103 -6.64 5.40 10.14
C ILE A 103 -7.40 4.16 9.72
N LEU A 104 -8.06 4.23 8.56
CA LEU A 104 -8.88 3.11 8.11
C LEU A 104 -8.01 1.91 7.75
N GLU A 105 -6.88 2.17 7.13
CA GLU A 105 -5.92 1.13 6.82
C GLU A 105 -5.46 0.41 8.08
N LYS A 106 -5.10 1.13 9.15
CA LYS A 106 -4.80 0.49 10.42
C LYS A 106 -5.94 -0.44 10.87
N PHE A 107 -7.15 0.09 10.82
CA PHE A 107 -8.32 -0.72 11.19
C PHE A 107 -8.41 -1.95 10.31
N PHE A 108 -8.23 -1.78 9.01
CA PHE A 108 -8.29 -2.89 8.06
C PHE A 108 -7.29 -3.96 8.40
N PHE A 109 -6.02 -3.59 8.66
CA PHE A 109 -5.02 -4.61 8.98
C PHE A 109 -5.36 -5.33 10.27
N SER A 110 -5.91 -4.62 11.25
CA SER A 110 -6.26 -5.29 12.49
C SER A 110 -7.41 -6.31 12.26
N LYS A 111 -8.39 -6.00 11.41
CA LYS A 111 -9.50 -6.94 11.14
C LYS A 111 -9.06 -8.14 10.33
N ILE A 112 -8.24 -7.94 9.31
CA ILE A 112 -7.77 -9.09 8.55
C ILE A 112 -6.89 -9.99 9.42
N LYS A 113 -6.11 -9.43 10.35
CA LYS A 113 -5.33 -10.29 11.26
C LYS A 113 -6.30 -11.05 12.17
N GLU A 114 -7.24 -10.33 12.76
CA GLU A 114 -8.19 -10.92 13.70
C GLU A 114 -9.00 -12.04 13.05
N ALA A 115 -9.39 -11.89 11.78
CA ALA A 115 -10.07 -12.98 11.04
C ALA A 115 -9.12 -14.09 10.52
N GLY A 116 -7.82 -14.01 10.81
CA GLY A 116 -6.87 -15.05 10.34
C GLY A 116 -6.74 -15.11 8.82
N LEU A 117 -7.05 -14.03 8.13
CA LEU A 117 -6.80 -13.89 6.69
C LEU A 117 -5.31 -13.73 6.34
N ILE A 118 -4.54 -13.21 7.28
CA ILE A 118 -3.07 -13.35 7.26
C ILE A 118 -2.65 -13.81 8.67
N ASP A 119 -1.71 -14.75 8.74
CA ASP A 119 -1.23 -15.27 10.03
C ASP A 119 0.22 -15.65 9.93
N ARG B 11 18.20 10.20 -22.78
CA ARG B 11 17.34 9.01 -23.04
C ARG B 11 16.10 9.09 -22.16
N ASP B 12 14.95 8.72 -22.72
CA ASP B 12 13.73 8.57 -21.93
C ASP B 12 13.84 7.46 -20.85
N PRO B 13 14.44 6.30 -21.22
CA PRO B 13 14.82 5.31 -20.19
C PRO B 13 15.79 5.89 -19.15
N ASP B 14 16.76 6.66 -19.64
CA ASP B 14 17.77 7.23 -18.77
C ASP B 14 17.28 8.41 -17.95
N GLN B 15 16.26 9.09 -18.43
CA GLN B 15 15.62 10.10 -17.63
C GLN B 15 14.92 9.45 -16.45
N LEU B 16 14.19 8.38 -16.74
CA LEU B 16 13.47 7.66 -15.70
C LEU B 16 14.47 7.16 -14.64
N TYR B 17 15.54 6.57 -15.12
CA TYR B 17 16.58 6.05 -14.27
C TYR B 17 17.13 7.11 -13.32
N SER B 18 17.47 8.29 -13.83
CA SER B 18 17.98 9.36 -12.97
C SER B 18 16.98 9.78 -11.93
N THR B 19 15.74 9.93 -12.34
CA THR B 19 14.70 10.32 -11.40
C THR B 19 14.51 9.27 -10.33
N LEU B 20 14.40 8.02 -10.71
CA LEU B 20 14.21 6.96 -9.71
C LEU B 20 15.41 6.83 -8.78
N LYS B 21 16.63 6.95 -9.30
CA LYS B 21 17.83 6.91 -8.46
C LYS B 21 17.84 8.02 -7.43
N SER B 22 17.50 9.23 -7.86
CA SER B 22 17.38 10.33 -6.94
C SER B 22 16.32 10.05 -5.85
N ILE B 23 15.15 9.60 -6.25
CA ILE B 23 14.12 9.32 -5.27
C ILE B 23 14.54 8.21 -4.29
N LEU B 24 15.08 7.13 -4.81
CA LEU B 24 15.47 5.99 -3.98
C LEU B 24 16.57 6.38 -2.99
N GLN B 25 17.53 7.20 -3.45
CA GLN B 25 18.59 7.65 -2.56
C GLN B 25 18.05 8.52 -1.44
N GLN B 26 17.08 9.40 -1.76
CA GLN B 26 16.52 10.25 -0.76
C GLN B 26 15.73 9.41 0.28
N VAL B 27 14.97 8.46 -0.20
CA VAL B 27 14.25 7.57 0.67
C VAL B 27 15.21 6.79 1.62
N LYS B 28 16.27 6.27 1.05
CA LYS B 28 17.24 5.57 1.85
C LYS B 28 17.93 6.43 2.89
N SER B 29 18.14 7.72 2.62
CA SER B 29 18.77 8.61 3.60
C SER B 29 17.85 9.09 4.71
N HIS B 30 16.55 8.90 4.54
CA HIS B 30 15.59 9.43 5.46
C HIS B 30 15.75 8.74 6.84
N GLN B 31 15.50 9.47 7.91
CA GLN B 31 15.71 8.97 9.27
C GLN B 31 14.78 7.81 9.64
N SER B 32 13.68 7.61 8.91
CA SER B 32 12.77 6.49 9.14
C SER B 32 13.02 5.31 8.21
N ALA B 33 14.07 5.35 7.40
CA ALA B 33 14.31 4.24 6.49
C ALA B 33 15.03 3.06 7.11
N TRP B 34 15.58 3.24 8.29
CA TRP B 34 16.50 2.26 8.86
C TRP B 34 15.93 0.85 8.99
N PRO B 35 14.62 0.69 9.22
CA PRO B 35 14.13 -0.69 9.31
C PRO B 35 14.14 -1.44 7.98
N PHE B 36 14.24 -0.73 6.86
CA PHE B 36 13.96 -1.31 5.56
C PHE B 36 15.18 -1.42 4.68
N MET B 37 16.35 -1.20 5.26
CA MET B 37 17.55 -0.97 4.47
C MET B 37 18.06 -2.25 3.85
N GLU B 38 17.87 -3.36 4.54
CA GLU B 38 18.43 -4.63 4.08
C GLU B 38 17.39 -5.74 4.29
N PRO B 39 17.53 -6.90 3.61
CA PRO B 39 16.65 -8.03 3.88
C PRO B 39 16.54 -8.25 5.37
N VAL B 40 15.32 -8.52 5.81
CA VAL B 40 15.06 -8.86 7.19
C VAL B 40 15.92 -10.05 7.64
N LYS B 41 16.49 -9.98 8.83
CA LYS B 41 17.33 -11.04 9.32
C LYS B 41 16.50 -12.00 10.16
N ARG B 42 16.61 -13.29 9.87
CA ARG B 42 15.81 -14.30 10.61
CA ARG B 42 15.83 -14.32 10.59
C ARG B 42 16.11 -14.24 12.09
N THR B 43 17.36 -13.99 12.48
CA THR B 43 17.68 -13.87 13.91
C THR B 43 16.96 -12.70 14.58
N GLU B 44 16.59 -11.69 13.82
CA GLU B 44 15.85 -10.56 14.33
C GLU B 44 14.34 -10.74 14.22
N ALA B 45 13.87 -11.72 13.46
CA ALA B 45 12.45 -11.95 13.25
C ALA B 45 12.21 -13.45 12.86
N PRO B 46 12.61 -14.44 13.71
CA PRO B 46 12.37 -15.88 13.28
C PRO B 46 10.90 -16.04 12.81
N GLY B 47 10.67 -16.80 11.75
CA GLY B 47 9.29 -16.96 11.21
C GLY B 47 8.76 -15.82 10.34
N TYR B 48 9.58 -14.79 10.14
CA TYR B 48 9.23 -13.75 9.20
C TYR B 48 9.07 -14.33 7.79
N TYR B 49 10.03 -15.15 7.37
CA TYR B 49 10.01 -15.68 6.03
C TYR B 49 8.98 -16.81 5.87
N GLU B 50 8.35 -17.23 6.96
CA GLU B 50 7.21 -18.16 6.86
C GLU B 50 5.91 -17.37 6.67
N VAL B 51 5.89 -16.12 7.08
CA VAL B 51 4.70 -15.28 6.98
C VAL B 51 4.72 -14.40 5.73
N ILE B 52 5.84 -13.78 5.44
CA ILE B 52 5.95 -12.86 4.32
C ILE B 52 6.44 -13.60 3.10
N ARG B 53 5.58 -13.71 2.10
CA ARG B 53 5.88 -14.49 0.91
C ARG B 53 6.72 -13.72 -0.09
N PHE B 54 6.58 -12.40 -0.12
CA PHE B 54 7.29 -11.56 -1.09
C PHE B 54 8.14 -10.51 -0.36
N PRO B 55 9.24 -10.92 0.27
CA PRO B 55 10.10 -9.92 0.95
C PRO B 55 10.71 -8.88 0.00
N MET B 56 10.90 -7.67 0.49
CA MET B 56 11.54 -6.67 -0.30
C MET B 56 12.20 -5.68 0.67
N ASP B 57 13.22 -5.04 0.20
CA ASP B 57 13.94 -4.06 0.99
C ASP B 57 14.64 -3.07 0.07
N LEU B 58 15.20 -2.02 0.65
CA LEU B 58 15.77 -0.95 -0.16
C LEU B 58 17.11 -1.33 -0.82
N LYS B 59 17.88 -2.26 -0.24
CA LYS B 59 19.10 -2.73 -0.91
C LYS B 59 18.78 -3.50 -2.16
N THR B 60 17.80 -4.37 -2.05
CA THR B 60 17.34 -5.12 -3.18
C THR B 60 16.83 -4.12 -4.25
N MET B 61 16.09 -3.10 -3.84
CA MET B 61 15.63 -2.11 -4.83
C MET B 61 16.79 -1.40 -5.51
N SER B 62 17.83 -1.07 -4.76
CA SER B 62 19.04 -0.42 -5.35
C SER B 62 19.70 -1.27 -6.40
N GLU B 63 19.79 -2.56 -6.14
CA GLU B 63 20.34 -3.51 -7.12
C GLU B 63 19.48 -3.64 -8.32
N ARG B 64 18.18 -3.80 -8.11
CA ARG B 64 17.22 -3.82 -9.22
C ARG B 64 17.32 -2.59 -10.09
N LEU B 65 17.46 -1.44 -9.46
CA LEU B 65 17.65 -0.20 -10.19
C LEU B 65 18.94 -0.23 -11.01
N LYS B 66 20.06 -0.59 -10.38
CA LYS B 66 21.34 -0.72 -11.11
C LYS B 66 21.29 -1.73 -12.23
N ASN B 67 20.53 -2.79 -12.02
CA ASN B 67 20.33 -3.82 -13.05
C ASN B 67 19.28 -3.42 -14.12
N ARG B 68 18.82 -2.17 -14.12
CA ARG B 68 17.93 -1.66 -15.18
C ARG B 68 16.57 -2.35 -15.21
N TYR B 69 16.10 -2.78 -14.05
CA TYR B 69 14.79 -3.42 -13.92
C TYR B 69 13.60 -2.43 -13.97
N TYR B 70 13.78 -1.25 -13.40
CA TYR B 70 12.65 -0.33 -13.25
C TYR B 70 12.40 0.44 -14.54
N VAL B 71 11.89 -0.26 -15.56
CA VAL B 71 11.61 0.37 -16.81
C VAL B 71 10.32 1.18 -16.78
N SER B 72 9.54 1.12 -15.70
CA SER B 72 8.34 1.93 -15.58
C SER B 72 8.17 2.37 -14.14
N LYS B 73 7.38 3.41 -13.95
CA LYS B 73 7.04 3.92 -12.63
C LYS B 73 6.30 2.83 -11.83
N LYS B 74 5.39 2.15 -12.50
CA LYS B 74 4.59 1.14 -11.88
C LYS B 74 5.43 0.02 -11.19
N LEU B 75 6.51 -0.44 -11.82
CA LEU B 75 7.37 -1.48 -11.21
C LEU B 75 8.04 -0.95 -9.97
N PHE B 76 8.52 0.29 -10.04
CA PHE B 76 9.21 0.90 -8.88
C PHE B 76 8.26 1.10 -7.71
N MET B 77 7.07 1.58 -7.99
CA MET B 77 6.08 1.77 -6.94
C MET B 77 5.66 0.45 -6.34
N ALA B 78 5.54 -0.58 -7.15
CA ALA B 78 5.06 -1.85 -6.59
C ALA B 78 6.10 -2.38 -5.58
N ASP B 79 7.39 -2.26 -5.91
CA ASP B 79 8.44 -2.79 -4.99
C ASP B 79 8.48 -2.00 -3.72
N LEU B 80 8.42 -0.70 -3.86
CA LEU B 80 8.42 0.11 -2.67
C LEU B 80 7.19 -0.07 -1.84
N GLN B 81 6.02 -0.13 -2.47
CA GLN B 81 4.83 -0.36 -1.68
CA GLN B 81 4.79 -0.41 -1.73
C GLN B 81 4.86 -1.75 -0.99
N ARG B 82 5.44 -2.77 -1.62
CA ARG B 82 5.62 -4.09 -0.98
C ARG B 82 6.43 -3.98 0.32
N VAL B 83 7.43 -3.10 0.33
CA VAL B 83 8.20 -2.89 1.56
C VAL B 83 7.23 -2.46 2.66
N PHE B 84 6.34 -1.52 2.33
CA PHE B 84 5.42 -1.01 3.36
C PHE B 84 4.33 -1.96 3.77
N THR B 85 3.80 -2.72 2.81
CA THR B 85 2.72 -3.67 3.13
C THR B 85 3.25 -4.93 3.87
N ASN B 86 4.46 -5.38 3.56
CA ASN B 86 5.10 -6.43 4.40
C ASN B 86 5.21 -5.98 5.86
N CYS B 87 5.69 -4.77 6.04
CA CYS B 87 5.86 -4.22 7.35
C CYS B 87 4.52 -4.15 8.10
N LYS B 88 3.47 -3.67 7.43
CA LYS B 88 2.14 -3.57 8.05
C LYS B 88 1.47 -4.92 8.30
N GLU B 89 1.74 -5.89 7.45
CA GLU B 89 1.25 -7.24 7.69
C GLU B 89 1.93 -7.89 8.91
N TYR B 90 3.26 -7.68 9.09
CA TYR B 90 4.02 -8.44 10.10
C TYR B 90 3.90 -7.78 11.47
N ASN B 91 3.90 -6.45 11.51
CA ASN B 91 4.00 -5.71 12.76
C ASN B 91 2.69 -5.10 13.24
N PRO B 92 2.52 -5.00 14.57
CA PRO B 92 1.40 -4.25 15.14
C PRO B 92 1.39 -2.73 14.79
N PRO B 93 0.19 -2.13 14.74
CA PRO B 93 -0.02 -0.75 14.29
C PRO B 93 0.68 0.33 15.09
N GLU B 94 0.88 0.08 16.38
CA GLU B 94 1.52 1.05 17.22
C GLU B 94 3.01 0.75 17.37
N SER B 95 3.54 -0.24 16.64
CA SER B 95 4.95 -0.53 16.72
C SER B 95 5.76 0.55 15.99
N GLU B 96 7.00 0.71 16.41
CA GLU B 96 7.92 1.63 15.78
C GLU B 96 8.09 1.33 14.32
N TYR B 97 8.10 0.04 13.94
CA TYR B 97 8.26 -0.31 12.54
C TYR B 97 7.08 0.19 11.70
N TYR B 98 5.87 -0.04 12.18
CA TYR B 98 4.65 0.42 11.49
C TYR B 98 4.68 1.96 11.37
N LYS B 99 5.02 2.69 12.43
CA LYS B 99 5.13 4.14 12.38
C LYS B 99 6.14 4.61 11.34
N CYS B 100 7.30 3.94 11.27
CA CYS B 100 8.30 4.26 10.30
C CYS B 100 7.76 4.08 8.88
N ALA B 101 7.10 2.99 8.64
CA ALA B 101 6.58 2.72 7.32
C ALA B 101 5.66 3.86 6.85
N ASN B 102 4.76 4.34 7.71
CA ASN B 102 3.83 5.41 7.29
C ASN B 102 4.53 6.77 7.12
N ILE B 103 5.52 7.06 7.94
CA ILE B 103 6.31 8.29 7.78
C ILE B 103 7.05 8.25 6.47
N LEU B 104 7.70 7.13 6.21
CA LEU B 104 8.49 7.02 4.98
C LEU B 104 7.65 7.01 3.71
N GLU B 105 6.51 6.35 3.80
CA GLU B 105 5.55 6.39 2.72
C GLU B 105 5.09 7.82 2.40
N LYS B 106 4.73 8.60 3.39
CA LYS B 106 4.40 10.00 3.15
C LYS B 106 5.51 10.74 2.41
N PHE B 107 6.74 10.56 2.89
CA PHE B 107 7.89 11.19 2.27
C PHE B 107 7.99 10.70 0.82
N PHE B 108 7.88 9.42 0.62
CA PHE B 108 7.98 8.85 -0.71
C PHE B 108 6.97 9.44 -1.70
N PHE B 109 5.72 9.55 -1.28
CA PHE B 109 4.71 10.11 -2.17
C PHE B 109 4.99 11.57 -2.48
N SER B 110 5.57 12.31 -1.53
CA SER B 110 5.83 13.70 -1.79
CA SER B 110 5.94 13.71 -1.71
C SER B 110 6.92 13.82 -2.84
N LYS B 111 7.92 12.96 -2.79
CA LYS B 111 8.97 12.94 -3.80
C LYS B 111 8.48 12.50 -5.18
N ILE B 112 7.65 11.48 -5.27
CA ILE B 112 7.01 11.08 -6.53
C ILE B 112 6.23 12.25 -7.16
N LYS B 113 5.46 12.92 -6.33
CA LYS B 113 4.68 14.03 -6.82
C LYS B 113 5.54 15.19 -7.25
N GLU B 114 6.53 15.52 -6.43
CA GLU B 114 7.48 16.60 -6.71
C GLU B 114 8.25 16.30 -8.01
N ALA B 115 8.54 15.03 -8.29
CA ALA B 115 9.15 14.67 -9.57
C ALA B 115 8.18 14.64 -10.80
N GLY B 116 6.90 14.92 -10.61
CA GLY B 116 5.91 14.81 -11.70
C GLY B 116 5.83 13.43 -12.37
N LEU B 117 6.21 12.39 -11.65
CA LEU B 117 6.34 11.07 -12.24
C LEU B 117 5.00 10.35 -12.50
N ILE B 118 4.78 9.96 -13.77
CA ILE B 118 3.48 9.44 -14.27
C ILE B 118 3.65 8.52 -15.49
C1 EDO C . -21.13 -5.85 3.54
O1 EDO C . -21.55 -4.51 3.87
C2 EDO C . -21.61 -6.13 2.13
O2 EDO C . -21.27 -5.02 1.26
C4 5WU D . -11.97 12.19 -2.89
C5 5WU D . -10.69 12.00 -3.36
C6 5WU D . -9.86 10.89 -2.93
N1 5WU D . -12.40 13.34 -3.49
C7 5WU D . -10.48 9.89 -2.00
C8 5WU D . -11.61 10.47 -1.13
C9 5WU D . -12.65 11.26 -1.95
O1 5WU D . -8.71 10.75 -3.36
C1 5WU D . -10.45 13.08 -4.24
C 5WU D . -9.27 13.34 -5.11
N 5WU D . -11.47 13.90 -4.30
C2 5WU D . -13.73 13.96 -3.44
C3 5WU D . -14.49 13.82 -4.76
O 5WU D . -14.81 12.44 -5.04
C1 EDO E . 18.67 5.38 8.43
O1 EDO E . 17.36 5.94 8.64
C2 EDO E . 18.87 4.92 7.01
O2 EDO E . 19.79 5.84 6.39
C1 EDO F . 17.92 -14.56 6.24
C1 EDO F . 18.23 -13.46 6.36
O1 EDO F . 18.01 -14.60 7.67
O1 EDO F . 18.94 -13.48 7.62
C2 EDO F . 18.59 -13.29 5.70
C2 EDO F . 18.79 -12.40 5.41
O2 EDO F . 17.68 -12.59 4.86
O2 EDO F . 19.91 -11.70 5.99
S DMS G . 10.41 -5.18 9.81
O DMS G . 9.12 -5.83 9.44
C1 DMS G . 11.21 -6.47 10.61
C2 DMS G . 11.23 -4.78 8.38
#